data_4G8B
#
_entry.id   4G8B
#
_cell.length_a   42.385
_cell.length_b   130.075
_cell.length_c   44.254
_cell.angle_alpha   90.00
_cell.angle_beta   110.68
_cell.angle_gamma   90.00
#
_symmetry.space_group_name_H-M   'P 1 21 1'
#
loop_
_entity.id
_entity.type
_entity.pdbx_description
1 polymer 'Alpha/beta hydrolase fold protein'
2 non-polymer N-[(3S)-2-oxotetrahydrofuran-3-yl]hexanamide
3 water water
#
_entity_poly.entity_id   1
_entity_poly.type   'polypeptide(L)'
_entity_poly.pdbx_seq_one_letter_code
;MTINYHELETSHGRIAVRESEGEGAPLLMIHGNSSSGAIFAPQLEGEIGKKWRVIAPDLPGHGKSTDAIDPDRSYSMEGY
ADAMTEVMQQLGIADAVVFGWGLGGHIGIEMIARYPEMRGLMITGTPPVAREEVGQGFKSGPDMALAGQEIFSERDVESY
ARSTCGEPFEASLLDIVARTDGRARRIMFEKFGSGTGGNQRDIVAEAQLPIAVVNGRDEPFVELDFVSKVKFGNLWEGKT
HVIDNAGHAPFREAPAEFDAYLARFIRDCTQLEHHHHHH
;
_entity_poly.pdbx_strand_id   A,B
#
# COMPACT_ATOMS: atom_id res chain seq x y z
N THR A 2 9.73 33.88 0.34
CA THR A 2 10.90 33.15 -0.13
C THR A 2 10.59 31.66 -0.30
N ILE A 3 9.31 31.31 -0.16
CA ILE A 3 8.88 29.93 -0.35
C ILE A 3 8.87 29.57 -1.82
N ASN A 4 9.46 28.43 -2.14
CA ASN A 4 9.47 27.92 -3.50
C ASN A 4 8.26 27.01 -3.75
N TYR A 5 7.28 27.54 -4.47
CA TYR A 5 6.08 26.79 -4.81
C TYR A 5 6.16 26.24 -6.23
N HIS A 6 5.86 24.95 -6.37
CA HIS A 6 5.80 24.34 -7.70
C HIS A 6 4.92 23.10 -7.70
N GLU A 7 4.56 22.62 -8.88
CA GLU A 7 3.64 21.49 -9.00
C GLU A 7 4.25 20.33 -9.76
N LEU A 8 3.96 19.12 -9.30
CA LEU A 8 4.48 17.90 -9.90
C LEU A 8 3.36 17.08 -10.51
N GLU A 9 3.57 16.58 -11.72
CA GLU A 9 2.64 15.62 -12.30
C GLU A 9 3.01 14.23 -11.82
N THR A 10 2.12 13.62 -11.05
CA THR A 10 2.35 12.30 -10.49
C THR A 10 1.27 11.34 -10.93
N SER A 11 1.47 10.06 -10.64
CA SER A 11 0.47 9.06 -11.01
C SER A 11 -0.85 9.27 -10.25
N HIS A 12 -0.82 10.04 -9.17
CA HIS A 12 -2.03 10.30 -8.38
C HIS A 12 -2.75 11.56 -8.82
N GLY A 13 -2.10 12.36 -9.66
CA GLY A 13 -2.63 13.66 -10.04
C GLY A 13 -1.55 14.71 -9.89
N ARG A 14 -1.94 15.97 -10.01
CA ARG A 14 -0.97 17.05 -9.93
C ARG A 14 -0.83 17.49 -8.48
N ILE A 15 0.37 17.34 -7.93
CA ILE A 15 0.64 17.59 -6.51
CA ILE A 15 0.60 17.62 -6.52
C ILE A 15 1.37 18.91 -6.30
N ALA A 16 0.80 19.78 -5.48
CA ALA A 16 1.41 21.06 -5.14
C ALA A 16 2.48 20.85 -4.08
N VAL A 17 3.62 21.53 -4.25
CA VAL A 17 4.75 21.39 -3.33
C VAL A 17 5.28 22.76 -2.91
N ARG A 18 5.48 22.96 -1.61
CA ARG A 18 6.16 24.14 -1.08
C ARG A 18 7.49 23.73 -0.50
N GLU A 19 8.54 24.49 -0.82
CA GLU A 19 9.87 24.23 -0.26
C GLU A 19 10.45 25.47 0.37
N SER A 20 11.05 25.33 1.55
CA SER A 20 11.78 26.43 2.16
C SER A 20 13.10 26.61 1.43
N GLU A 21 13.84 27.64 1.82
CA GLU A 21 15.10 28.04 1.20
CA GLU A 21 15.10 27.98 1.16
C GLU A 21 16.32 27.33 1.81
N GLY A 22 16.10 26.63 2.91
CA GLY A 22 17.19 26.00 3.65
C GLY A 22 18.08 25.05 2.87
N GLU A 23 19.38 25.14 3.13
CA GLU A 23 20.40 24.32 2.48
C GLU A 23 20.65 23.01 3.23
N GLY A 24 20.10 22.89 4.43
CA GLY A 24 20.39 21.75 5.28
C GLY A 24 19.59 20.51 4.90
N ALA A 25 19.72 19.48 5.73
CA ALA A 25 19.03 18.21 5.51
C ALA A 25 17.53 18.41 5.27
N PRO A 26 16.93 17.56 4.42
CA PRO A 26 15.52 17.73 4.10
C PRO A 26 14.55 17.20 5.16
N LEU A 27 13.45 17.91 5.31
CA LEU A 27 12.36 17.53 6.20
C LEU A 27 11.08 17.55 5.37
N LEU A 28 10.41 16.41 5.28
CA LEU A 28 9.08 16.35 4.67
C LEU A 28 8.04 16.54 5.77
N MET A 29 7.16 17.52 5.62
CA MET A 29 6.05 17.75 6.54
C MET A 29 4.75 17.37 5.86
N ILE A 30 3.99 16.47 6.47
CA ILE A 30 2.76 15.97 5.88
C ILE A 30 1.56 16.46 6.69
N HIS A 31 0.70 17.24 6.05
CA HIS A 31 -0.46 17.83 6.71
C HIS A 31 -1.54 16.81 7.04
N GLY A 32 -2.55 17.27 7.75
CA GLY A 32 -3.63 16.39 8.19
C GLY A 32 -4.89 16.42 7.34
N ASN A 33 -5.90 15.75 7.88
CA ASN A 33 -7.18 15.55 7.22
C ASN A 33 -7.84 16.90 6.91
N SER A 34 -8.08 17.16 5.62
CA SER A 34 -8.73 18.39 5.15
C SER A 34 -7.89 19.64 5.35
N SER A 35 -6.59 19.46 5.51
CA SER A 35 -5.69 20.60 5.64
C SER A 35 -4.88 20.77 4.34
N SER A 36 -3.74 21.42 4.45
CA SER A 36 -2.82 21.55 3.32
C SER A 36 -1.46 21.93 3.88
N GLY A 37 -0.42 21.79 3.05
CA GLY A 37 0.92 22.13 3.48
C GLY A 37 1.10 23.59 3.86
N ALA A 38 0.17 24.43 3.41
CA ALA A 38 0.20 25.85 3.77
C ALA A 38 0.09 26.05 5.28
N ILE A 39 -0.46 25.05 5.98
CA ILE A 39 -0.62 25.13 7.43
C ILE A 39 0.74 25.21 8.15
N PHE A 40 1.79 24.77 7.46
CA PHE A 40 3.12 24.74 8.04
C PHE A 40 3.91 26.02 7.80
N ALA A 41 3.20 27.10 7.52
CA ALA A 41 3.82 28.41 7.39
C ALA A 41 4.88 28.71 8.46
N PRO A 42 4.58 28.44 9.75
CA PRO A 42 5.59 28.83 10.74
C PRO A 42 6.95 28.14 10.55
N GLN A 43 6.93 26.89 10.10
CA GLN A 43 8.17 26.16 9.86
C GLN A 43 8.77 26.54 8.52
N LEU A 44 7.94 26.61 7.48
CA LEU A 44 8.40 26.97 6.14
C LEU A 44 9.10 28.33 6.11
N GLU A 45 8.52 29.31 6.80
CA GLU A 45 8.96 30.69 6.71
C GLU A 45 9.85 31.11 7.88
N GLY A 46 9.92 30.26 8.90
CA GLY A 46 10.67 30.56 10.11
C GLY A 46 12.04 29.93 10.15
N GLU A 47 12.58 29.84 11.34
CA GLU A 47 13.95 29.39 11.54
C GLU A 47 14.20 27.92 11.11
N ILE A 48 13.19 27.07 11.24
CA ILE A 48 13.35 25.69 10.79
C ILE A 48 13.63 25.67 9.28
N GLY A 49 12.77 26.35 8.53
CA GLY A 49 12.88 26.38 7.08
C GLY A 49 14.06 27.17 6.57
N LYS A 50 14.58 28.07 7.38
CA LYS A 50 15.81 28.80 7.00
C LYS A 50 17.05 27.94 7.07
N LYS A 51 17.07 26.98 7.98
CA LYS A 51 18.23 26.09 8.10
C LYS A 51 18.10 24.81 7.28
N TRP A 52 16.92 24.19 7.36
CA TRP A 52 16.69 22.88 6.74
C TRP A 52 15.79 23.02 5.51
N ARG A 53 15.89 22.06 4.59
CA ARG A 53 15.06 22.08 3.40
C ARG A 53 13.69 21.49 3.73
N VAL A 54 12.74 22.37 4.05
CA VAL A 54 11.41 21.93 4.42
C VAL A 54 10.54 21.77 3.18
N ILE A 55 9.91 20.60 3.05
CA ILE A 55 9.07 20.28 1.91
C ILE A 55 7.67 19.99 2.45
N ALA A 56 6.69 20.76 1.99
CA ALA A 56 5.32 20.66 2.49
C ALA A 56 4.35 20.55 1.32
N PRO A 57 4.07 19.32 0.86
CA PRO A 57 3.15 19.12 -0.27
C PRO A 57 1.70 19.16 0.16
N ASP A 58 0.80 19.21 -0.81
CA ASP A 58 -0.62 18.97 -0.56
C ASP A 58 -0.98 17.56 -1.00
N LEU A 59 -1.63 16.82 -0.10
CA LEU A 59 -2.14 15.51 -0.49
C LEU A 59 -3.11 15.62 -1.65
N PRO A 60 -3.19 14.56 -2.48
CA PRO A 60 -4.27 14.52 -3.47
C PRO A 60 -5.61 14.87 -2.80
N GLY A 61 -6.46 15.63 -3.48
CA GLY A 61 -7.75 16.01 -2.93
C GLY A 61 -7.71 17.15 -1.92
N HIS A 62 -6.50 17.68 -1.66
CA HIS A 62 -6.31 18.71 -0.64
C HIS A 62 -5.56 19.92 -1.21
N GLY A 63 -5.78 21.08 -0.59
CA GLY A 63 -5.03 22.28 -0.93
C GLY A 63 -5.02 22.59 -2.42
N LYS A 64 -3.84 22.84 -2.96
CA LYS A 64 -3.69 23.20 -4.36
CA LYS A 64 -3.68 23.20 -4.37
C LYS A 64 -3.39 22.01 -5.27
N SER A 65 -3.39 20.81 -4.70
CA SER A 65 -3.26 19.61 -5.52
C SER A 65 -4.61 19.35 -6.18
N THR A 66 -4.60 18.58 -7.27
CA THR A 66 -5.86 18.17 -7.88
C THR A 66 -6.49 17.04 -7.06
N ASP A 67 -7.78 16.79 -7.30
CA ASP A 67 -8.37 15.58 -6.77
C ASP A 67 -7.63 14.38 -7.33
N ALA A 68 -7.67 13.26 -6.62
CA ALA A 68 -7.00 12.04 -7.08
C ALA A 68 -7.54 11.58 -8.42
N ILE A 69 -6.64 11.14 -9.30
CA ILE A 69 -7.06 10.50 -10.54
C ILE A 69 -7.96 9.29 -10.22
N ASP A 70 -7.58 8.54 -9.20
CA ASP A 70 -8.31 7.35 -8.76
C ASP A 70 -8.49 7.39 -7.25
N PRO A 71 -9.64 7.89 -6.79
CA PRO A 71 -9.90 7.96 -5.35
C PRO A 71 -9.75 6.62 -4.63
N ASP A 72 -10.07 5.53 -5.32
CA ASP A 72 -10.02 4.19 -4.73
C ASP A 72 -8.59 3.76 -4.44
N ARG A 73 -7.64 4.35 -5.16
CA ARG A 73 -6.24 4.06 -4.94
C ARG A 73 -5.63 5.03 -3.94
N SER A 74 -5.99 6.31 -4.08
CA SER A 74 -5.24 7.37 -3.41
C SER A 74 -5.69 7.73 -2.00
N TYR A 75 -6.98 7.66 -1.74
CA TYR A 75 -7.54 8.20 -0.51
C TYR A 75 -7.55 7.15 0.60
N SER A 76 -6.36 6.86 1.13
CA SER A 76 -6.21 5.95 2.25
C SER A 76 -4.85 6.28 2.84
N MET A 77 -4.63 5.90 4.08
CA MET A 77 -3.34 6.17 4.69
C MET A 77 -2.21 5.60 3.83
N GLU A 78 -2.38 4.37 3.36
CA GLU A 78 -1.34 3.74 2.55
C GLU A 78 -1.24 4.36 1.15
N GLY A 79 -2.37 4.77 0.56
CA GLY A 79 -2.35 5.41 -0.73
C GLY A 79 -1.66 6.77 -0.69
N TYR A 80 -1.93 7.53 0.36
CA TYR A 80 -1.25 8.80 0.56
C TYR A 80 0.26 8.59 0.76
N ALA A 81 0.62 7.53 1.49
CA ALA A 81 2.03 7.20 1.69
C ALA A 81 2.69 6.90 0.35
N ASP A 82 1.99 6.17 -0.52
N ASP A 82 1.97 6.21 -0.52
CA ASP A 82 2.49 5.94 -1.88
CA ASP A 82 2.47 5.94 -1.85
C ASP A 82 2.72 7.28 -2.59
C ASP A 82 2.68 7.24 -2.64
N ALA A 83 1.72 8.16 -2.53
CA ALA A 83 1.82 9.44 -3.22
C ALA A 83 3.01 10.26 -2.72
N MET A 84 3.19 10.30 -1.40
CA MET A 84 4.29 11.08 -0.84
C MET A 84 5.63 10.46 -1.22
N THR A 85 5.68 9.12 -1.27
CA THR A 85 6.91 8.46 -1.67
C THR A 85 7.25 8.80 -3.14
N GLU A 86 6.23 8.82 -3.98
CA GLU A 86 6.43 9.18 -5.39
C GLU A 86 6.90 10.64 -5.52
N VAL A 87 6.30 11.53 -4.74
CA VAL A 87 6.74 12.94 -4.71
C VAL A 87 8.21 13.05 -4.34
N MET A 88 8.63 12.37 -3.26
CA MET A 88 10.01 12.43 -2.84
C MET A 88 10.96 11.85 -3.91
N GLN A 89 10.51 10.79 -4.59
CA GLN A 89 11.31 10.21 -5.67
C GLN A 89 11.51 11.23 -6.79
N GLN A 90 10.43 11.94 -7.15
CA GLN A 90 10.51 12.94 -8.21
C GLN A 90 11.43 14.11 -7.81
N LEU A 91 11.43 14.43 -6.52
CA LEU A 91 12.30 15.49 -6.00
C LEU A 91 13.73 15.00 -5.78
N GLY A 92 13.96 13.71 -5.94
CA GLY A 92 15.30 13.16 -5.81
C GLY A 92 15.81 13.09 -4.37
N ILE A 93 14.90 13.00 -3.42
CA ILE A 93 15.26 13.01 -2.00
C ILE A 93 14.84 11.71 -1.33
N ALA A 94 15.82 10.90 -0.95
CA ALA A 94 15.55 9.57 -0.42
C ALA A 94 15.63 9.50 1.10
N ASP A 95 16.21 10.51 1.72
CA ASP A 95 16.58 10.41 3.14
C ASP A 95 16.03 11.54 4.01
N ALA A 96 14.84 12.02 3.67
CA ALA A 96 14.22 13.04 4.49
C ALA A 96 13.93 12.55 5.90
N VAL A 97 13.98 13.47 6.85
CA VAL A 97 13.27 13.27 8.11
C VAL A 97 11.82 13.58 7.78
N VAL A 98 10.87 12.84 8.38
CA VAL A 98 9.46 13.07 8.09
C VAL A 98 8.74 13.52 9.34
N PHE A 99 7.94 14.58 9.21
CA PHE A 99 7.02 15.01 10.26
C PHE A 99 5.60 14.84 9.73
N GLY A 100 4.74 14.21 10.51
CA GLY A 100 3.36 14.03 10.11
C GLY A 100 2.40 14.53 11.17
N TRP A 101 1.41 15.30 10.75
CA TRP A 101 0.40 15.88 11.61
C TRP A 101 -0.94 15.20 11.41
N GLY A 102 -1.46 14.55 12.46
CA GLY A 102 -2.76 13.91 12.40
C GLY A 102 -2.77 12.78 11.40
N LEU A 103 -3.69 12.84 10.43
CA LEU A 103 -3.66 11.93 9.29
C LEU A 103 -2.23 11.82 8.72
N GLY A 104 -1.52 12.95 8.64
CA GLY A 104 -0.16 12.96 8.13
C GLY A 104 0.80 12.08 8.91
N GLY A 105 0.59 11.95 10.22
CA GLY A 105 1.38 11.05 11.03
C GLY A 105 1.09 9.59 10.71
N HIS A 106 -0.18 9.28 10.50
CA HIS A 106 -0.55 7.92 10.07
C HIS A 106 0.07 7.59 8.70
N ILE A 107 0.06 8.58 7.81
CA ILE A 107 0.71 8.44 6.52
C ILE A 107 2.20 8.18 6.69
N GLY A 108 2.84 8.94 7.58
CA GLY A 108 4.26 8.75 7.85
C GLY A 108 4.58 7.35 8.33
N ILE A 109 3.71 6.79 9.17
CA ILE A 109 3.89 5.42 9.63
C ILE A 109 3.83 4.43 8.47
N GLU A 110 2.88 4.62 7.56
CA GLU A 110 2.77 3.80 6.36
C GLU A 110 3.96 4.02 5.42
N MET A 111 4.60 5.18 5.50
CA MET A 111 5.77 5.44 4.66
C MET A 111 7.02 4.68 5.10
N ILE A 112 7.07 4.23 6.35
CA ILE A 112 8.27 3.57 6.84
C ILE A 112 8.68 2.40 5.92
N ALA A 113 7.71 1.60 5.49
CA ALA A 113 7.99 0.45 4.63
C ALA A 113 8.36 0.86 3.20
N ARG A 114 7.88 2.03 2.77
CA ARG A 114 7.99 2.48 1.38
C ARG A 114 9.16 3.40 1.12
N TYR A 115 9.72 3.96 2.19
CA TYR A 115 10.71 5.03 2.12
C TYR A 115 11.83 4.64 3.08
N PRO A 116 12.64 3.65 2.68
CA PRO A 116 13.52 2.92 3.61
C PRO A 116 14.65 3.74 4.19
N GLU A 117 15.01 4.85 3.56
CA GLU A 117 16.11 5.65 4.06
C GLU A 117 15.64 6.86 4.87
N MET A 118 14.35 6.86 5.23
CA MET A 118 13.80 7.86 6.14
C MET A 118 14.71 7.96 7.35
N ARG A 119 15.12 9.16 7.72
N ARG A 119 15.11 9.18 7.71
CA ARG A 119 16.08 9.28 8.81
CA ARG A 119 16.09 9.33 8.80
C ARG A 119 15.42 9.34 10.18
C ARG A 119 15.45 9.51 10.17
N GLY A 120 14.14 9.68 10.21
CA GLY A 120 13.38 9.75 11.45
C GLY A 120 11.95 10.11 11.13
N LEU A 121 11.05 9.84 12.06
CA LEU A 121 9.64 10.18 11.91
C LEU A 121 9.16 10.84 13.19
N MET A 122 8.63 12.06 13.07
CA MET A 122 7.97 12.71 14.19
C MET A 122 6.47 12.75 13.91
N ILE A 123 5.66 12.35 14.89
CA ILE A 123 4.21 12.34 14.75
C ILE A 123 3.56 13.20 15.82
N THR A 124 2.65 14.05 15.38
CA THR A 124 1.95 14.99 16.24
C THR A 124 0.46 14.90 15.93
N GLY A 125 -0.36 14.70 16.95
CA GLY A 125 -1.80 14.55 16.75
C GLY A 125 -2.17 13.19 16.20
N THR A 126 -1.30 12.21 16.46
CA THR A 126 -1.39 10.88 15.84
C THR A 126 -1.16 9.79 16.87
N PRO A 127 -2.21 9.03 17.23
CA PRO A 127 -2.00 7.84 18.06
C PRO A 127 -1.80 6.62 17.15
N PRO A 128 -0.63 5.95 17.23
CA PRO A 128 -0.53 4.72 16.43
C PRO A 128 -1.53 3.74 17.00
N VAL A 129 -2.47 3.28 16.17
CA VAL A 129 -3.51 2.37 16.63
C VAL A 129 -3.77 1.31 15.58
N ALA A 130 -4.02 0.10 16.05
CA ALA A 130 -4.65 -0.92 15.22
C ALA A 130 -6.11 -0.53 15.06
N ARG A 131 -6.79 -1.03 14.03
CA ARG A 131 -8.17 -0.62 13.79
C ARG A 131 -9.08 -0.84 14.99
N GLU A 132 -8.86 -1.90 15.75
CA GLU A 132 -9.72 -2.20 16.88
C GLU A 132 -9.45 -1.29 18.09
N GLU A 133 -8.43 -0.44 17.98
CA GLU A 133 -8.02 0.42 19.09
C GLU A 133 -8.42 1.88 18.90
N VAL A 134 -9.23 2.17 17.90
CA VAL A 134 -9.56 3.55 17.57
CA VAL A 134 -9.59 3.55 17.57
C VAL A 134 -10.17 4.29 18.77
N GLY A 135 -11.05 3.63 19.52
CA GLY A 135 -11.67 4.25 20.67
C GLY A 135 -10.68 4.52 21.79
N GLN A 136 -9.63 3.71 21.89
CA GLN A 136 -8.58 3.97 22.87
C GLN A 136 -7.67 5.12 22.48
N GLY A 137 -7.41 5.28 21.19
CA GLY A 137 -6.46 6.27 20.73
C GLY A 137 -7.03 7.67 20.56
N PHE A 138 -8.32 7.76 20.24
CA PHE A 138 -8.97 9.02 19.91
C PHE A 138 -10.10 9.35 20.86
N LYS A 139 -10.32 10.64 21.07
CA LYS A 139 -11.45 11.09 21.88
CA LYS A 139 -11.44 11.11 21.88
C LYS A 139 -12.69 11.23 21.00
N SER A 140 -13.83 10.76 21.50
CA SER A 140 -15.08 10.85 20.76
C SER A 140 -15.66 12.25 20.83
N GLY A 141 -16.25 12.71 19.74
CA GLY A 141 -16.87 14.03 19.71
C GLY A 141 -17.32 14.41 18.32
N PRO A 142 -18.05 15.53 18.21
CA PRO A 142 -18.64 15.94 16.93
C PRO A 142 -17.61 16.29 15.85
N ASP A 143 -16.48 16.85 16.25
CA ASP A 143 -15.45 17.17 15.27
C ASP A 143 -14.67 15.94 14.82
N MET A 144 -14.42 15.03 15.76
CA MET A 144 -13.84 13.75 15.41
C MET A 144 -14.76 13.02 14.43
N ALA A 145 -16.07 13.15 14.62
CA ALA A 145 -17.04 12.52 13.74
C ALA A 145 -16.98 13.08 12.32
N LEU A 146 -16.60 14.35 12.18
CA LEU A 146 -16.49 14.95 10.87
C LEU A 146 -15.32 14.37 10.05
N ALA A 147 -14.36 13.77 10.75
CA ALA A 147 -13.15 13.29 10.08
C ALA A 147 -13.44 12.34 8.92
N GLY A 148 -14.54 11.59 9.03
CA GLY A 148 -14.90 10.66 7.98
C GLY A 148 -16.17 11.02 7.22
N GLN A 149 -16.65 12.24 7.41
CA GLN A 149 -17.89 12.67 6.78
C GLN A 149 -17.62 13.32 5.42
N GLU A 150 -18.29 12.84 4.39
CA GLU A 150 -18.01 13.36 3.06
C GLU A 150 -18.40 14.84 2.88
N ILE A 151 -19.65 15.17 3.16
CA ILE A 151 -20.11 16.52 2.89
C ILE A 151 -20.07 17.39 4.14
N PHE A 152 -19.36 18.51 4.06
CA PHE A 152 -19.30 19.51 5.13
C PHE A 152 -20.21 20.67 4.78
N SER A 153 -21.06 21.07 5.73
CA SER A 153 -21.76 22.35 5.61
C SER A 153 -20.78 23.48 5.93
N GLU A 154 -21.18 24.72 5.72
CA GLU A 154 -20.37 25.85 6.12
CA GLU A 154 -20.36 25.84 6.13
C GLU A 154 -20.04 25.78 7.61
N ARG A 155 -21.00 25.42 8.44
CA ARG A 155 -20.73 25.32 9.87
CA ARG A 155 -20.75 25.30 9.88
C ARG A 155 -19.74 24.19 10.18
N ASP A 156 -19.85 23.09 9.44
CA ASP A 156 -18.92 21.98 9.63
C ASP A 156 -17.49 22.43 9.32
N VAL A 157 -17.33 23.16 8.22
CA VAL A 157 -16.02 23.68 7.82
C VAL A 157 -15.43 24.49 8.95
N GLU A 158 -16.22 25.40 9.51
CA GLU A 158 -15.72 26.25 10.58
C GLU A 158 -15.40 25.49 11.86
N SER A 159 -16.29 24.59 12.28
CA SER A 159 -16.07 23.82 13.49
C SER A 159 -14.81 22.96 13.36
N TYR A 160 -14.67 22.32 12.21
CA TYR A 160 -13.53 21.46 11.98
C TYR A 160 -12.23 22.26 11.93
N ALA A 161 -12.24 23.38 11.23
CA ALA A 161 -11.06 24.23 11.16
C ALA A 161 -10.65 24.73 12.55
N ARG A 162 -11.62 25.18 13.33
CA ARG A 162 -11.31 25.71 14.66
C ARG A 162 -10.74 24.64 15.58
N SER A 163 -11.32 23.44 15.56
CA SER A 163 -10.88 22.41 16.47
C SER A 163 -9.54 21.79 16.06
N THR A 164 -9.36 21.52 14.77
CA THR A 164 -8.12 20.90 14.32
C THR A 164 -6.93 21.86 14.39
N CYS A 165 -7.17 23.13 14.12
CA CYS A 165 -6.05 24.07 14.00
C CYS A 165 -5.75 24.86 15.26
N GLY A 166 -6.73 24.96 16.15
CA GLY A 166 -6.53 25.65 17.42
C GLY A 166 -6.30 27.15 17.28
N GLU A 167 -5.79 27.75 18.35
CA GLU A 167 -5.58 29.19 18.38
C GLU A 167 -4.28 29.55 17.71
N PRO A 168 -4.30 30.55 16.82
CA PRO A 168 -5.43 31.41 16.46
C PRO A 168 -6.19 30.90 15.24
N PHE A 169 -7.50 31.14 15.21
CA PHE A 169 -8.27 30.89 14.01
C PHE A 169 -8.00 31.97 12.98
N GLU A 170 -7.85 31.58 11.72
CA GLU A 170 -7.71 32.53 10.62
C GLU A 170 -8.67 32.14 9.51
N ALA A 171 -9.25 33.14 8.85
CA ALA A 171 -10.25 32.90 7.80
C ALA A 171 -9.72 32.01 6.69
N SER A 172 -8.42 32.11 6.40
CA SER A 172 -7.79 31.31 5.35
C SER A 172 -7.97 29.82 5.60
N LEU A 173 -8.12 29.43 6.86
CA LEU A 173 -8.31 28.03 7.21
C LEU A 173 -9.60 27.46 6.63
N LEU A 174 -10.63 28.31 6.54
CA LEU A 174 -11.92 27.86 6.00
C LEU A 174 -11.74 27.47 4.54
N ASP A 175 -10.96 28.25 3.81
CA ASP A 175 -10.74 27.97 2.40
C ASP A 175 -10.06 26.61 2.19
N ILE A 176 -9.09 26.32 3.04
CA ILE A 176 -8.37 25.05 2.96
C ILE A 176 -9.32 23.88 3.20
N VAL A 177 -10.06 23.94 4.30
CA VAL A 177 -10.94 22.84 4.68
C VAL A 177 -12.09 22.67 3.68
N ALA A 178 -12.65 23.78 3.20
CA ALA A 178 -13.77 23.73 2.27
C ALA A 178 -13.39 23.13 0.92
N ARG A 179 -12.14 23.32 0.53
CA ARG A 179 -11.68 22.79 -0.76
C ARG A 179 -11.66 21.26 -0.78
N THR A 180 -11.30 20.65 0.34
CA THR A 180 -11.02 19.21 0.38
C THR A 180 -12.11 18.39 -0.31
N ASP A 181 -11.66 17.50 -1.20
CA ASP A 181 -12.53 16.49 -1.80
C ASP A 181 -13.09 15.60 -0.68
N GLY A 182 -14.39 15.76 -0.39
CA GLY A 182 -14.99 15.06 0.73
C GLY A 182 -14.97 13.55 0.59
N ARG A 183 -14.87 13.05 -0.64
CA ARG A 183 -14.72 11.61 -0.86
C ARG A 183 -13.48 11.08 -0.14
N ALA A 184 -12.45 11.92 -0.02
CA ALA A 184 -11.23 11.51 0.63
C ALA A 184 -11.44 11.24 2.11
N ARG A 185 -12.27 12.05 2.76
CA ARG A 185 -12.58 11.81 4.17
C ARG A 185 -13.29 10.46 4.35
N ARG A 186 -14.32 10.24 3.56
CA ARG A 186 -15.14 9.04 3.72
C ARG A 186 -14.34 7.78 3.42
N ILE A 187 -13.63 7.79 2.30
CA ILE A 187 -12.92 6.59 1.89
C ILE A 187 -11.74 6.29 2.83
N MET A 188 -10.98 7.31 3.20
CA MET A 188 -9.85 7.08 4.09
C MET A 188 -10.32 6.46 5.40
N PHE A 189 -11.40 7.00 5.94
CA PHE A 189 -11.93 6.52 7.20
C PHE A 189 -12.42 5.07 7.10
N GLU A 190 -13.14 4.75 6.02
CA GLU A 190 -13.63 3.39 5.82
CA GLU A 190 -13.63 3.39 5.84
C GLU A 190 -12.48 2.40 5.68
N LYS A 191 -11.45 2.81 4.94
CA LYS A 191 -10.35 1.88 4.69
C LYS A 191 -9.55 1.61 5.94
N PHE A 192 -9.39 2.61 6.78
CA PHE A 192 -8.76 2.38 8.07
CA PHE A 192 -8.74 2.35 8.05
C PHE A 192 -9.57 1.34 8.84
N GLY A 193 -10.89 1.51 8.85
CA GLY A 193 -11.76 0.57 9.54
C GLY A 193 -11.75 -0.83 8.95
N SER A 194 -11.45 -0.93 7.66
CA SER A 194 -11.40 -2.22 6.97
C SER A 194 -10.03 -2.90 7.07
N GLY A 195 -9.11 -2.29 7.80
CA GLY A 195 -7.77 -2.83 7.96
C GLY A 195 -7.00 -3.01 6.66
N THR A 196 -7.08 -2.01 5.79
CA THR A 196 -6.53 -2.18 4.45
C THR A 196 -5.02 -1.98 4.38
N GLY A 197 -4.46 -1.24 5.34
CA GLY A 197 -3.03 -1.01 5.37
C GLY A 197 -2.35 -1.79 6.49
N GLY A 198 -1.09 -1.48 6.75
CA GLY A 198 -0.34 -2.16 7.78
C GLY A 198 -0.85 -1.82 9.18
N ASN A 199 -0.66 -2.73 10.11
CA ASN A 199 -1.06 -2.52 11.50
C ASN A 199 -0.11 -1.51 12.14
N GLN A 200 -0.61 -0.33 12.43
CA GLN A 200 0.27 0.76 12.86
C GLN A 200 0.89 0.53 14.22
N ARG A 201 0.16 -0.17 15.10
CA ARG A 201 0.70 -0.53 16.40
C ARG A 201 1.95 -1.39 16.22
N ASP A 202 1.84 -2.42 15.39
CA ASP A 202 2.97 -3.31 15.18
C ASP A 202 4.10 -2.61 14.42
N ILE A 203 3.75 -1.78 13.45
CA ILE A 203 4.76 -1.10 12.67
C ILE A 203 5.65 -0.21 13.55
N VAL A 204 5.06 0.60 14.42
CA VAL A 204 5.88 1.47 15.25
C VAL A 204 6.65 0.69 16.32
N ALA A 205 6.09 -0.42 16.79
CA ALA A 205 6.78 -1.27 17.77
C ALA A 205 8.04 -1.87 17.15
N GLU A 206 7.99 -2.17 15.86
CA GLU A 206 9.06 -2.90 15.20
C GLU A 206 10.02 -1.99 14.42
N ALA A 207 9.62 -0.74 14.20
CA ALA A 207 10.44 0.18 13.43
C ALA A 207 11.73 0.52 14.17
N GLN A 208 12.85 0.52 13.45
CA GLN A 208 14.15 0.77 14.05
C GLN A 208 14.57 2.24 14.00
N LEU A 209 13.99 3.01 13.09
CA LEU A 209 14.37 4.42 12.98
C LEU A 209 13.84 5.20 14.19
N PRO A 210 14.46 6.34 14.50
CA PRO A 210 13.94 7.15 15.61
C PRO A 210 12.54 7.66 15.31
N ILE A 211 11.62 7.44 16.25
CA ILE A 211 10.28 8.01 16.16
C ILE A 211 10.09 8.95 17.33
N ALA A 212 9.75 10.20 17.01
CA ALA A 212 9.48 11.21 18.02
C ALA A 212 7.98 11.45 18.11
N VAL A 213 7.49 11.68 19.32
CA VAL A 213 6.08 11.91 19.55
C VAL A 213 5.94 13.21 20.32
N VAL A 214 5.24 14.18 19.73
CA VAL A 214 5.09 15.51 20.31
C VAL A 214 3.64 15.94 20.17
N ASN A 215 3.00 16.26 21.30
CA ASN A 215 1.59 16.65 21.29
C ASN A 215 1.31 17.83 22.19
N GLY A 216 0.23 18.56 21.89
CA GLY A 216 -0.25 19.59 22.79
C GLY A 216 -0.98 18.97 23.97
N ARG A 217 -0.75 19.53 25.16
CA ARG A 217 -1.34 18.99 26.38
C ARG A 217 -2.87 18.95 26.32
N ASP A 218 -3.47 19.92 25.64
CA ASP A 218 -4.92 20.04 25.60
C ASP A 218 -5.50 19.48 24.32
N GLU A 219 -4.88 18.42 23.82
CA GLU A 219 -5.34 17.69 22.64
C GLU A 219 -6.82 17.33 22.75
N PRO A 220 -7.63 17.82 21.80
CA PRO A 220 -9.06 17.47 21.81
C PRO A 220 -9.38 16.18 21.04
N PHE A 221 -8.41 15.66 20.30
CA PHE A 221 -8.66 14.46 19.48
C PHE A 221 -7.93 13.22 19.95
N VAL A 222 -6.76 13.40 20.55
CA VAL A 222 -5.89 12.28 20.88
C VAL A 222 -5.84 11.99 22.36
N GLU A 223 -5.95 10.72 22.74
CA GLU A 223 -5.80 10.31 24.14
C GLU A 223 -4.32 10.21 24.50
N LEU A 224 -3.82 11.23 25.19
CA LEU A 224 -2.39 11.32 25.49
C LEU A 224 -1.88 10.21 26.41
N ASP A 225 -2.70 9.75 27.31
CA ASP A 225 -2.31 8.67 28.18
C ASP A 225 -2.09 7.37 27.38
N PHE A 226 -3.00 7.08 26.47
CA PHE A 226 -2.82 5.96 25.57
C PHE A 226 -1.52 6.09 24.78
N VAL A 227 -1.29 7.27 24.21
CA VAL A 227 -0.09 7.49 23.40
C VAL A 227 1.18 7.28 24.22
N SER A 228 1.15 7.68 25.49
CA SER A 228 2.33 7.54 26.34
CA SER A 228 2.32 7.55 26.36
C SER A 228 2.62 6.08 26.69
N LYS A 229 1.70 5.19 26.34
CA LYS A 229 1.86 3.77 26.64
C LYS A 229 2.15 2.93 25.39
N VAL A 230 2.10 3.55 24.22
CA VAL A 230 2.37 2.83 22.98
C VAL A 230 3.83 2.38 22.93
N LYS A 231 4.05 1.15 22.48
CA LYS A 231 5.41 0.62 22.34
CA LYS A 231 5.41 0.63 22.36
C LYS A 231 6.05 1.08 21.04
N PHE A 232 7.20 1.73 21.15
CA PHE A 232 7.97 2.16 19.98
C PHE A 232 9.32 1.45 19.96
N GLY A 233 9.77 1.04 18.77
CA GLY A 233 11.06 0.39 18.65
C GLY A 233 12.21 1.27 19.11
N ASN A 234 12.11 2.56 18.82
CA ASN A 234 13.20 3.50 19.08
C ASN A 234 12.59 4.87 19.35
N LEU A 235 12.05 5.04 20.55
CA LEU A 235 11.35 6.28 20.92
C LEU A 235 12.35 7.38 21.21
N TRP A 236 12.27 8.45 20.43
CA TRP A 236 13.21 9.56 20.56
C TRP A 236 13.15 10.21 21.93
N GLU A 237 14.32 10.30 22.58
CA GLU A 237 14.46 10.84 23.93
C GLU A 237 13.69 10.05 24.99
N GLY A 238 13.25 8.84 24.62
CA GLY A 238 12.76 7.87 25.58
C GLY A 238 11.39 8.13 26.18
N LYS A 239 10.64 9.08 25.64
CA LYS A 239 9.30 9.36 26.14
C LYS A 239 8.50 10.14 25.09
N THR A 240 7.19 10.18 25.27
CA THR A 240 6.35 11.02 24.46
C THR A 240 6.36 12.42 25.09
N HIS A 241 6.34 13.45 24.26
CA HIS A 241 6.51 14.82 24.70
C HIS A 241 5.21 15.59 24.63
N VAL A 242 5.01 16.47 25.60
CA VAL A 242 3.77 17.23 25.74
C VAL A 242 4.08 18.71 25.92
N ILE A 243 3.43 19.53 25.10
CA ILE A 243 3.60 20.98 25.11
C ILE A 243 2.39 21.66 25.74
N ASP A 244 2.63 22.41 26.81
CA ASP A 244 1.56 23.16 27.47
C ASP A 244 0.97 24.23 26.57
N ASN A 245 -0.30 24.55 26.78
CA ASN A 245 -0.94 25.67 26.10
C ASN A 245 -0.98 25.46 24.59
N ALA A 246 -1.25 24.23 24.20
CA ALA A 246 -1.45 23.87 22.82
C ALA A 246 -2.37 22.66 22.77
N GLY A 247 -3.02 22.47 21.64
CA GLY A 247 -3.92 21.33 21.44
C GLY A 247 -3.46 20.46 20.30
N HIS A 248 -4.29 20.37 19.27
CA HIS A 248 -4.02 19.46 18.16
C HIS A 248 -2.90 19.91 17.23
N ALA A 249 -2.58 21.20 17.26
CA ALA A 249 -1.67 21.78 16.27
C ALA A 249 -0.55 22.62 16.91
N PRO A 250 0.28 22.00 17.75
CA PRO A 250 1.29 22.80 18.47
C PRO A 250 2.29 23.52 17.57
N PHE A 251 2.48 23.02 16.35
CA PHE A 251 3.40 23.66 15.40
C PHE A 251 2.96 25.09 15.04
N ARG A 252 1.66 25.38 15.16
CA ARG A 252 1.15 26.74 14.93
C ARG A 252 0.67 27.43 16.23
N GLU A 253 0.23 26.63 17.21
CA GLU A 253 -0.28 27.20 18.45
C GLU A 253 0.84 27.60 19.40
N ALA A 254 1.93 26.85 19.37
CA ALA A 254 3.09 27.10 20.22
C ALA A 254 4.36 26.89 19.40
N PRO A 255 4.55 27.73 18.38
CA PRO A 255 5.62 27.42 17.42
C PRO A 255 7.02 27.37 18.03
N ALA A 256 7.35 28.28 18.93
CA ALA A 256 8.70 28.25 19.51
C ALA A 256 9.00 26.93 20.22
N GLU A 257 8.10 26.47 21.05
CA GLU A 257 8.29 25.28 21.80
C GLU A 257 8.30 24.05 20.86
N PHE A 258 7.35 24.01 19.92
CA PHE A 258 7.33 22.92 18.95
C PHE A 258 8.64 22.88 18.15
N ASP A 259 9.10 24.04 17.69
CA ASP A 259 10.28 24.10 16.85
C ASP A 259 11.52 23.65 17.61
N ALA A 260 11.56 23.88 18.93
CA ALA A 260 12.69 23.39 19.72
C ALA A 260 12.78 21.86 19.59
N TYR A 261 11.66 21.18 19.74
CA TYR A 261 11.65 19.72 19.59
C TYR A 261 12.04 19.32 18.16
N LEU A 262 11.38 19.94 17.18
CA LEU A 262 11.62 19.56 15.78
C LEU A 262 13.08 19.78 15.37
N ALA A 263 13.64 20.94 15.73
CA ALA A 263 15.03 21.23 15.40
C ALA A 263 15.98 20.22 16.03
N ARG A 264 15.74 19.89 17.29
CA ARG A 264 16.62 18.95 17.98
C ARG A 264 16.50 17.55 17.38
N PHE A 265 15.28 17.17 17.01
CA PHE A 265 15.05 15.87 16.39
C PHE A 265 15.79 15.79 15.05
N ILE A 266 15.64 16.82 14.21
CA ILE A 266 16.35 16.83 12.94
C ILE A 266 17.85 16.72 13.17
N ARG A 267 18.37 17.48 14.12
CA ARG A 267 19.80 17.42 14.45
C ARG A 267 20.19 15.99 14.83
N ASP A 268 19.44 15.38 15.73
CA ASP A 268 19.75 14.04 16.19
C ASP A 268 19.73 13.03 15.06
N CYS A 269 18.73 13.13 14.20
CA CYS A 269 18.54 12.13 13.15
C CYS A 269 19.55 12.25 12.04
N THR A 270 20.12 13.42 11.89
CA THR A 270 21.03 13.65 10.79
C THR A 270 22.49 13.72 11.22
N GLN A 271 22.76 13.88 12.51
CA GLN A 271 24.13 14.11 13.00
C GLN A 271 24.68 12.97 13.84
N LEU A 272 23.80 12.09 14.31
CA LEU A 272 24.22 10.98 15.15
C LEU A 272 24.09 9.64 14.44
N GLU A 273 24.81 8.65 14.92
CA GLU A 273 24.68 7.37 14.31
C GLU A 273 23.50 6.60 14.82
N HIS A 274 22.85 5.99 13.89
CA HIS A 274 21.77 5.08 14.23
C HIS A 274 22.01 3.79 13.48
N HIS A 275 21.86 2.67 14.16
CA HIS A 275 22.11 1.38 13.54
C HIS A 275 20.84 0.57 13.39
N HIS A 276 20.73 -0.16 12.29
CA HIS A 276 19.72 -1.18 12.13
C HIS A 276 20.36 -2.53 12.41
N HIS A 277 20.01 -3.11 13.54
CA HIS A 277 20.63 -4.34 14.00
C HIS A 277 20.01 -5.57 13.34
N HIS A 278 19.01 -5.34 12.50
CA HIS A 278 18.37 -6.41 11.75
C HIS A 278 17.61 -5.87 10.54
N ILE B 3 -2.16 -12.40 -29.79
CA ILE B 3 -2.02 -11.67 -28.53
C ILE B 3 -1.55 -10.25 -28.79
N ASN B 4 -2.26 -9.29 -28.21
CA ASN B 4 -1.88 -7.88 -28.28
CA ASN B 4 -1.83 -7.90 -28.30
C ASN B 4 -0.89 -7.54 -27.17
N TYR B 5 0.24 -6.94 -27.52
CA TYR B 5 1.25 -6.60 -26.54
C TYR B 5 1.45 -5.10 -26.54
N HIS B 6 1.50 -4.50 -25.34
CA HIS B 6 1.87 -3.11 -25.22
C HIS B 6 2.42 -2.80 -23.83
N GLU B 7 2.89 -1.58 -23.62
CA GLU B 7 3.54 -1.22 -22.37
C GLU B 7 2.96 0.06 -21.77
N LEU B 8 2.83 0.10 -20.45
CA LEU B 8 2.27 1.25 -19.76
C LEU B 8 3.28 1.86 -18.79
N GLU B 9 3.35 3.19 -18.75
CA GLU B 9 4.18 3.87 -17.77
C GLU B 9 3.41 4.10 -16.48
N THR B 10 3.92 3.55 -15.39
CA THR B 10 3.26 3.65 -14.09
C THR B 10 4.27 4.20 -13.08
N SER B 11 3.79 4.47 -11.86
CA SER B 11 4.67 4.93 -10.80
C SER B 11 5.62 3.84 -10.34
N HIS B 12 5.40 2.63 -10.86
CA HIS B 12 6.21 1.48 -10.50
C HIS B 12 7.07 1.01 -11.67
N GLY B 13 7.24 1.86 -12.68
CA GLY B 13 8.03 1.52 -13.86
C GLY B 13 7.20 1.24 -15.11
N ARG B 14 7.87 0.78 -16.17
CA ARG B 14 7.20 0.48 -17.43
C ARG B 14 6.73 -0.96 -17.41
N ILE B 15 5.41 -1.14 -17.46
CA ILE B 15 4.78 -2.44 -17.28
CA ILE B 15 4.82 -2.45 -17.29
C ILE B 15 4.33 -3.03 -18.61
N ALA B 16 4.81 -4.23 -18.91
CA ALA B 16 4.40 -4.96 -20.11
C ALA B 16 3.03 -5.60 -19.89
N VAL B 17 2.18 -5.53 -20.91
CA VAL B 17 0.81 -6.04 -20.81
C VAL B 17 0.46 -6.86 -22.06
N ARG B 18 -0.01 -8.09 -21.85
CA ARG B 18 -0.53 -8.93 -22.92
C ARG B 18 -2.03 -8.97 -22.82
N GLU B 19 -2.72 -8.88 -23.96
CA GLU B 19 -4.18 -8.97 -23.95
C GLU B 19 -4.63 -9.95 -25.01
N SER B 20 -5.63 -10.76 -24.67
CA SER B 20 -6.22 -11.66 -25.66
C SER B 20 -7.16 -10.87 -26.57
N GLU B 21 -7.68 -11.57 -27.58
CA GLU B 21 -8.58 -11.01 -28.57
CA GLU B 21 -8.57 -10.94 -28.54
C GLU B 21 -10.04 -10.97 -28.11
N GLY B 22 -10.33 -11.64 -26.99
CA GLY B 22 -11.70 -11.78 -26.52
C GLY B 22 -12.43 -10.47 -26.27
N GLU B 23 -13.71 -10.45 -26.62
CA GLU B 23 -14.55 -9.25 -26.52
C GLU B 23 -15.44 -9.23 -25.28
N GLY B 24 -15.43 -10.32 -24.51
CA GLY B 24 -16.26 -10.42 -23.32
C GLY B 24 -15.67 -9.72 -22.11
N ALA B 25 -16.26 -9.97 -20.96
CA ALA B 25 -15.86 -9.35 -19.70
C ALA B 25 -14.35 -9.51 -19.44
N PRO B 26 -13.73 -8.50 -18.83
CA PRO B 26 -12.28 -8.57 -18.62
C PRO B 26 -11.86 -9.44 -17.44
N LEU B 27 -10.73 -10.14 -17.62
CA LEU B 27 -10.10 -10.93 -16.59
C LEU B 27 -8.66 -10.50 -16.47
N LEU B 28 -8.27 -10.00 -15.30
CA LEU B 28 -6.87 -9.74 -15.02
C LEU B 28 -6.25 -11.00 -14.44
N MET B 29 -5.14 -11.46 -15.03
CA MET B 29 -4.39 -12.61 -14.51
C MET B 29 -3.04 -12.12 -14.00
N ILE B 30 -2.74 -12.41 -12.74
CA ILE B 30 -1.52 -11.92 -12.10
C ILE B 30 -0.60 -13.11 -11.82
N HIS B 31 0.58 -13.09 -12.43
CA HIS B 31 1.52 -14.19 -12.30
C HIS B 31 2.21 -14.22 -10.94
N GLY B 32 2.99 -15.27 -10.70
CA GLY B 32 3.65 -15.48 -9.42
C GLY B 32 5.10 -15.07 -9.34
N ASN B 33 5.71 -15.41 -8.21
CA ASN B 33 7.07 -15.06 -7.85
C ASN B 33 8.06 -15.58 -8.90
N SER B 34 8.77 -14.65 -9.55
CA SER B 34 9.80 -14.97 -10.54
C SER B 34 9.25 -15.53 -11.85
N SER B 35 7.96 -15.33 -12.10
CA SER B 35 7.36 -15.75 -13.35
C SER B 35 7.09 -14.54 -14.24
N SER B 36 6.12 -14.66 -15.15
CA SER B 36 5.69 -13.55 -15.98
CA SER B 36 5.75 -13.61 -16.08
C SER B 36 4.34 -13.88 -16.57
N GLY B 37 3.67 -12.87 -17.12
CA GLY B 37 2.36 -13.06 -17.72
C GLY B 37 2.39 -14.03 -18.89
N ALA B 38 3.56 -14.23 -19.48
CA ALA B 38 3.72 -15.19 -20.58
C ALA B 38 3.31 -16.61 -20.15
N ILE B 39 3.37 -16.87 -18.86
CA ILE B 39 3.00 -18.19 -18.33
C ILE B 39 1.52 -18.49 -18.59
N PHE B 40 0.73 -17.45 -18.84
CA PHE B 40 -0.71 -17.63 -19.06
C PHE B 40 -1.07 -17.81 -20.53
N ALA B 41 -0.08 -18.14 -21.35
CA ALA B 41 -0.33 -18.48 -22.75
C ALA B 41 -1.56 -19.39 -22.98
N PRO B 42 -1.72 -20.44 -22.15
CA PRO B 42 -2.87 -21.33 -22.41
C PRO B 42 -4.21 -20.60 -22.33
N GLN B 43 -4.34 -19.66 -21.40
CA GLN B 43 -5.56 -18.86 -21.28
C GLN B 43 -5.61 -17.74 -22.33
N LEU B 44 -4.50 -17.06 -22.55
CA LEU B 44 -4.46 -15.98 -23.53
C LEU B 44 -4.83 -16.45 -24.93
N GLU B 45 -4.33 -17.64 -25.29
CA GLU B 45 -4.48 -18.15 -26.65
C GLU B 45 -5.61 -19.15 -26.84
N GLY B 46 -6.15 -19.66 -25.75
CA GLY B 46 -7.15 -20.71 -25.78
C GLY B 46 -8.57 -20.23 -25.56
N GLU B 47 -9.43 -21.15 -25.10
CA GLU B 47 -10.85 -20.88 -25.01
C GLU B 47 -11.17 -19.68 -24.11
N ILE B 48 -10.40 -19.51 -23.03
CA ILE B 48 -10.69 -18.44 -22.10
C ILE B 48 -10.47 -17.09 -22.78
N GLY B 49 -9.31 -16.93 -23.39
CA GLY B 49 -8.95 -15.67 -24.03
C GLY B 49 -9.69 -15.40 -25.34
N LYS B 50 -10.25 -16.45 -25.93
CA LYS B 50 -11.05 -16.25 -27.14
CA LYS B 50 -11.05 -16.29 -27.14
C LYS B 50 -12.38 -15.61 -26.82
N LYS B 51 -12.91 -15.88 -25.64
CA LYS B 51 -14.20 -15.32 -25.23
C LYS B 51 -14.04 -14.05 -24.42
N TRP B 52 -13.18 -14.10 -23.41
CA TRP B 52 -13.03 -13.01 -22.46
C TRP B 52 -11.78 -12.18 -22.76
N ARG B 53 -11.80 -10.91 -22.36
CA ARG B 53 -10.65 -10.05 -22.52
C ARG B 53 -9.63 -10.36 -21.41
N VAL B 54 -8.67 -11.21 -21.72
CA VAL B 54 -7.68 -11.62 -20.72
C VAL B 54 -6.50 -10.67 -20.76
N ILE B 55 -6.16 -10.15 -19.58
CA ILE B 55 -5.08 -9.18 -19.44
C ILE B 55 -4.03 -9.77 -18.53
N ALA B 56 -2.82 -9.94 -19.06
CA ALA B 56 -1.74 -10.61 -18.34
C ALA B 56 -0.49 -9.74 -18.32
N PRO B 57 -0.36 -8.87 -17.31
CA PRO B 57 0.82 -7.99 -17.22
C PRO B 57 2.01 -8.70 -16.59
N ASP B 58 3.17 -8.07 -16.72
CA ASP B 58 4.36 -8.50 -15.97
C ASP B 58 4.57 -7.57 -14.78
N LEU B 59 4.73 -8.15 -13.60
CA LEU B 59 5.04 -7.33 -12.43
C LEU B 59 6.37 -6.63 -12.65
N PRO B 60 6.53 -5.44 -12.03
CA PRO B 60 7.86 -4.83 -12.00
C PRO B 60 8.91 -5.86 -11.57
N GLY B 61 10.08 -5.79 -12.20
CA GLY B 61 11.15 -6.73 -11.90
C GLY B 61 11.00 -8.10 -12.54
N HIS B 62 9.94 -8.29 -13.32
CA HIS B 62 9.62 -9.59 -13.90
C HIS B 62 9.37 -9.46 -15.40
N GLY B 63 9.60 -10.56 -16.12
CA GLY B 63 9.23 -10.62 -17.53
C GLY B 63 9.76 -9.46 -18.34
N LYS B 64 8.86 -8.84 -19.11
CA LYS B 64 9.23 -7.75 -20.01
CA LYS B 64 9.23 -7.75 -20.01
C LYS B 64 9.05 -6.36 -19.38
N SER B 65 8.65 -6.33 -18.11
CA SER B 65 8.56 -5.06 -17.40
C SER B 65 9.95 -4.60 -16.95
N THR B 66 10.09 -3.32 -16.66
CA THR B 66 11.37 -2.84 -16.16
C THR B 66 11.54 -3.27 -14.70
N ASP B 67 12.79 -3.28 -14.23
CA ASP B 67 13.05 -3.40 -12.81
C ASP B 67 12.53 -2.15 -12.11
N ALA B 68 12.12 -2.28 -10.86
CA ALA B 68 11.75 -1.11 -10.05
C ALA B 68 12.98 -0.29 -9.61
N ILE B 69 12.91 1.00 -9.81
CA ILE B 69 13.89 1.91 -9.23
C ILE B 69 13.70 2.09 -7.74
N ASP B 70 12.51 1.77 -7.27
CA ASP B 70 12.16 1.86 -5.86
C ASP B 70 11.77 0.49 -5.33
N PRO B 71 12.75 -0.43 -5.26
CA PRO B 71 12.45 -1.80 -4.84
C PRO B 71 11.71 -1.95 -3.50
N ASP B 72 12.04 -1.16 -2.49
CA ASP B 72 11.33 -1.29 -1.20
C ASP B 72 9.85 -1.02 -1.32
N ARG B 73 9.46 -0.08 -2.19
CA ARG B 73 8.06 0.25 -2.39
CA ARG B 73 8.05 0.25 -2.38
C ARG B 73 7.35 -0.68 -3.36
N SER B 74 8.04 -1.06 -4.44
CA SER B 74 7.39 -1.82 -5.50
C SER B 74 7.35 -3.33 -5.26
N TYR B 75 8.37 -3.86 -4.61
CA TYR B 75 8.50 -5.30 -4.46
C TYR B 75 7.95 -5.74 -3.12
N SER B 76 6.67 -5.48 -2.93
CA SER B 76 5.93 -5.98 -1.79
C SER B 76 4.58 -6.36 -2.35
N MET B 77 3.86 -7.23 -1.65
CA MET B 77 2.54 -7.62 -2.11
C MET B 77 1.66 -6.39 -2.37
N GLU B 78 1.69 -5.44 -1.44
CA GLU B 78 0.86 -4.25 -1.57
C GLU B 78 1.39 -3.30 -2.67
N GLY B 79 2.70 -3.25 -2.86
CA GLY B 79 3.27 -2.44 -3.93
C GLY B 79 2.89 -2.99 -5.30
N TYR B 80 2.95 -4.31 -5.44
CA TYR B 80 2.51 -4.94 -6.68
C TYR B 80 1.01 -4.70 -6.90
N ALA B 81 0.23 -4.75 -5.83
CA ALA B 81 -1.20 -4.49 -5.96
C ALA B 81 -1.45 -3.07 -6.43
N ASP B 82 -0.67 -2.14 -5.90
CA ASP B 82 -0.78 -0.76 -6.33
C ASP B 82 -0.45 -0.64 -7.83
N ALA B 83 0.60 -1.33 -8.28
CA ALA B 83 0.97 -1.29 -9.69
C ALA B 83 -0.16 -1.84 -10.57
N MET B 84 -0.76 -2.96 -10.16
CA MET B 84 -1.84 -3.55 -10.95
C MET B 84 -3.06 -2.64 -10.96
N THR B 85 -3.28 -1.93 -9.86
CA THR B 85 -4.38 -0.96 -9.79
C THR B 85 -4.16 0.18 -10.79
N GLU B 86 -2.91 0.62 -10.93
CA GLU B 86 -2.58 1.62 -11.94
C GLU B 86 -2.81 1.09 -13.35
N VAL B 87 -2.37 -0.14 -13.59
CA VAL B 87 -2.59 -0.77 -14.89
C VAL B 87 -4.08 -0.76 -15.27
N MET B 88 -4.92 -1.23 -14.36
CA MET B 88 -6.34 -1.35 -14.67
C MET B 88 -6.99 0.02 -14.88
N GLN B 89 -6.55 1.00 -14.11
CA GLN B 89 -7.07 2.36 -14.26
C GLN B 89 -6.67 2.92 -15.62
N GLN B 90 -5.43 2.70 -16.04
CA GLN B 90 -5.00 3.18 -17.35
C GLN B 90 -5.73 2.47 -18.48
N LEU B 91 -6.11 1.21 -18.26
CA LEU B 91 -6.90 0.48 -19.26
C LEU B 91 -8.38 0.87 -19.22
N GLY B 92 -8.78 1.67 -18.24
CA GLY B 92 -10.16 2.12 -18.12
C GLY B 92 -11.13 1.01 -17.73
N ILE B 93 -10.66 0.07 -16.92
CA ILE B 93 -11.46 -1.08 -16.51
C ILE B 93 -11.54 -1.16 -14.99
N ALA B 94 -12.74 -0.99 -14.45
CA ALA B 94 -12.90 -0.97 -12.99
C ALA B 94 -13.49 -2.25 -12.42
N ASP B 95 -13.99 -3.14 -13.29
CA ASP B 95 -14.80 -4.26 -12.82
C ASP B 95 -14.30 -5.60 -13.35
N ALA B 96 -12.98 -5.74 -13.51
CA ALA B 96 -12.44 -7.03 -13.92
C ALA B 96 -12.70 -8.11 -12.89
N VAL B 97 -12.80 -9.35 -13.37
CA VAL B 97 -12.57 -10.51 -12.52
C VAL B 97 -11.04 -10.62 -12.43
N VAL B 98 -10.53 -11.01 -11.27
CA VAL B 98 -9.08 -11.15 -11.08
C VAL B 98 -8.74 -12.60 -10.75
N PHE B 99 -7.70 -13.11 -11.41
CA PHE B 99 -7.11 -14.39 -11.07
C PHE B 99 -5.67 -14.14 -10.65
N GLY B 100 -5.26 -14.71 -9.51
CA GLY B 100 -3.89 -14.57 -9.06
C GLY B 100 -3.27 -15.91 -8.75
N TRP B 101 -2.04 -16.09 -9.23
CA TRP B 101 -1.29 -17.33 -9.06
C TRP B 101 -0.14 -17.12 -8.09
N GLY B 102 -0.15 -17.85 -6.98
CA GLY B 102 0.94 -17.80 -6.01
C GLY B 102 1.02 -16.41 -5.41
N LEU B 103 2.21 -15.79 -5.50
CA LEU B 103 2.34 -14.39 -5.16
C LEU B 103 1.22 -13.54 -5.78
N GLY B 104 0.82 -13.88 -7.01
CA GLY B 104 -0.24 -13.16 -7.69
C GLY B 104 -1.58 -13.19 -6.95
N GLY B 105 -1.86 -14.30 -6.26
CA GLY B 105 -3.05 -14.40 -5.43
C GLY B 105 -2.98 -13.50 -4.21
N HIS B 106 -1.80 -13.43 -3.60
CA HIS B 106 -1.60 -12.52 -2.47
C HIS B 106 -1.78 -11.08 -2.92
N ILE B 107 -1.26 -10.76 -4.10
CA ILE B 107 -1.44 -9.45 -4.71
C ILE B 107 -2.93 -9.16 -4.95
N GLY B 108 -3.66 -10.15 -5.49
CA GLY B 108 -5.09 -10.03 -5.69
C GLY B 108 -5.84 -9.69 -4.41
N ILE B 109 -5.42 -10.32 -3.31
CA ILE B 109 -6.03 -10.04 -2.01
C ILE B 109 -5.79 -8.58 -1.60
N GLU B 110 -4.56 -8.10 -1.80
CA GLU B 110 -4.24 -6.70 -1.51
CA GLU B 110 -4.25 -6.70 -1.51
C GLU B 110 -4.99 -5.75 -2.45
N MET B 111 -5.38 -6.23 -3.63
CA MET B 111 -6.10 -5.38 -4.56
C MET B 111 -7.54 -5.15 -4.15
N ILE B 112 -8.09 -6.03 -3.31
CA ILE B 112 -9.51 -5.90 -2.95
C ILE B 112 -9.84 -4.49 -2.46
N ALA B 113 -9.01 -3.92 -1.59
CA ALA B 113 -9.28 -2.59 -1.07
C ALA B 113 -9.14 -1.50 -2.14
N ARG B 114 -8.22 -1.70 -3.07
CA ARG B 114 -7.84 -0.70 -4.06
C ARG B 114 -8.71 -0.72 -5.30
N TYR B 115 -9.49 -1.79 -5.45
CA TYR B 115 -10.19 -2.08 -6.69
C TYR B 115 -11.60 -2.55 -6.31
N PRO B 116 -12.43 -1.62 -5.78
CA PRO B 116 -13.67 -2.01 -5.11
C PRO B 116 -14.76 -2.63 -5.98
N GLU B 117 -14.71 -2.42 -7.28
CA GLU B 117 -15.75 -3.07 -8.10
CA GLU B 117 -15.69 -2.99 -8.21
C GLU B 117 -15.24 -4.34 -8.80
N MET B 118 -14.16 -4.89 -8.26
CA MET B 118 -13.69 -6.21 -8.66
C MET B 118 -14.88 -7.17 -8.64
N ARG B 119 -15.09 -7.94 -9.71
CA ARG B 119 -16.28 -8.78 -9.75
C ARG B 119 -16.07 -10.16 -9.14
N GLY B 120 -14.83 -10.54 -8.92
CA GLY B 120 -14.51 -11.78 -8.24
C GLY B 120 -13.01 -11.93 -8.21
N LEU B 121 -12.52 -12.78 -7.31
CA LEU B 121 -11.10 -13.09 -7.20
C LEU B 121 -10.92 -14.59 -7.11
N MET B 122 -10.16 -15.18 -8.03
CA MET B 122 -9.77 -16.58 -7.93
C MET B 122 -8.30 -16.65 -7.55
N ILE B 123 -7.98 -17.46 -6.55
CA ILE B 123 -6.60 -17.62 -6.10
C ILE B 123 -6.16 -19.07 -6.20
N THR B 124 -5.00 -19.27 -6.83
CA THR B 124 -4.44 -20.58 -7.08
C THR B 124 -3.00 -20.57 -6.62
N GLY B 125 -2.63 -21.53 -5.77
CA GLY B 125 -1.28 -21.58 -5.23
C GLY B 125 -1.05 -20.57 -4.12
N THR B 126 -2.14 -20.15 -3.47
CA THR B 126 -2.15 -19.03 -2.54
C THR B 126 -2.93 -19.37 -1.27
N PRO B 127 -2.24 -19.51 -0.12
CA PRO B 127 -2.97 -19.61 1.15
C PRO B 127 -3.10 -18.22 1.78
N PRO B 128 -4.32 -17.70 1.95
CA PRO B 128 -4.41 -16.42 2.66
C PRO B 128 -3.87 -16.61 4.07
N VAL B 129 -2.82 -15.88 4.43
CA VAL B 129 -2.18 -16.04 5.73
C VAL B 129 -1.80 -14.71 6.33
N ALA B 130 -1.95 -14.61 7.65
CA ALA B 130 -1.32 -13.55 8.40
C ALA B 130 0.15 -13.93 8.52
N ARG B 131 1.02 -12.97 8.80
CA ARG B 131 2.45 -13.24 8.78
C ARG B 131 2.86 -14.33 9.76
N GLU B 132 2.14 -14.45 10.85
CA GLU B 132 2.43 -15.44 11.85
C GLU B 132 2.03 -16.86 11.42
N GLU B 133 1.30 -16.95 10.32
CA GLU B 133 0.75 -18.23 9.85
C GLU B 133 1.49 -18.85 8.69
N VAL B 134 2.63 -18.29 8.31
CA VAL B 134 3.35 -18.78 7.13
C VAL B 134 3.63 -20.28 7.21
N GLY B 135 4.07 -20.74 8.37
CA GLY B 135 4.40 -22.15 8.55
C GLY B 135 3.20 -23.06 8.41
N GLN B 136 2.02 -22.55 8.75
CA GLN B 136 0.80 -23.33 8.63
C GLN B 136 0.29 -23.35 7.19
N GLY B 137 0.48 -22.24 6.47
CA GLY B 137 -0.07 -22.11 5.13
C GLY B 137 0.79 -22.74 4.05
N PHE B 138 2.09 -22.80 4.30
CA PHE B 138 3.03 -23.31 3.31
C PHE B 138 3.79 -24.54 3.80
N LYS B 139 4.14 -25.43 2.87
CA LYS B 139 5.01 -26.55 3.15
C LYS B 139 6.46 -26.07 3.14
N SER B 140 7.27 -26.57 4.06
CA SER B 140 8.69 -26.26 4.06
C SER B 140 9.40 -27.10 3.01
N GLY B 141 10.43 -26.54 2.40
CA GLY B 141 11.17 -27.26 1.38
C GLY B 141 12.18 -26.37 0.71
N PRO B 142 13.07 -26.97 -0.10
CA PRO B 142 14.16 -26.24 -0.74
C PRO B 142 13.66 -25.17 -1.71
N ASP B 143 12.57 -25.45 -2.42
CA ASP B 143 12.08 -24.48 -3.39
C ASP B 143 11.32 -23.35 -2.70
N MET B 144 10.61 -23.66 -1.62
CA MET B 144 9.99 -22.63 -0.81
CA MET B 144 9.99 -22.64 -0.79
C MET B 144 11.06 -21.68 -0.24
N ALA B 145 12.20 -22.26 0.15
CA ALA B 145 13.31 -21.43 0.64
C ALA B 145 13.84 -20.50 -0.46
N LEU B 146 13.85 -20.98 -1.70
CA LEU B 146 14.32 -20.16 -2.82
C LEU B 146 13.40 -18.97 -3.09
N ALA B 147 12.13 -19.11 -2.72
CA ALA B 147 11.16 -18.06 -3.00
C ALA B 147 11.55 -16.69 -2.42
N GLY B 148 12.30 -16.70 -1.31
CA GLY B 148 12.75 -15.44 -0.73
C GLY B 148 14.25 -15.17 -0.86
N GLN B 149 14.92 -15.95 -1.70
CA GLN B 149 16.38 -15.87 -1.83
C GLN B 149 16.76 -14.98 -3.01
N GLU B 150 17.60 -13.98 -2.77
CA GLU B 150 17.94 -13.02 -3.83
C GLU B 150 18.74 -13.65 -4.98
N ILE B 151 19.82 -14.34 -4.65
CA ILE B 151 20.70 -14.88 -5.68
C ILE B 151 20.40 -16.34 -5.98
N PHE B 152 20.07 -16.62 -7.24
CA PHE B 152 19.89 -17.99 -7.71
C PHE B 152 21.11 -18.45 -8.51
N SER B 153 21.58 -19.66 -8.21
CA SER B 153 22.52 -20.33 -9.08
C SER B 153 21.75 -20.88 -10.28
N GLU B 154 22.44 -21.41 -11.27
CA GLU B 154 21.78 -22.05 -12.41
C GLU B 154 20.90 -23.20 -11.93
N ARG B 155 21.40 -23.99 -10.98
CA ARG B 155 20.59 -25.09 -10.44
C ARG B 155 19.37 -24.59 -9.67
N ASP B 156 19.50 -23.46 -8.98
CA ASP B 156 18.36 -22.87 -8.29
C ASP B 156 17.27 -22.48 -9.30
N VAL B 157 17.69 -21.86 -10.40
CA VAL B 157 16.75 -21.44 -11.43
C VAL B 157 15.95 -22.65 -11.93
N GLU B 158 16.66 -23.73 -12.23
CA GLU B 158 15.99 -24.92 -12.73
C GLU B 158 15.07 -25.56 -11.71
N SER B 159 15.55 -25.75 -10.49
CA SER B 159 14.73 -26.37 -9.45
C SER B 159 13.47 -25.54 -9.18
N TYR B 160 13.64 -24.24 -9.07
CA TYR B 160 12.50 -23.35 -8.82
C TYR B 160 11.51 -23.37 -9.97
N ALA B 161 12.00 -23.28 -11.19
CA ALA B 161 11.13 -23.28 -12.36
C ALA B 161 10.35 -24.59 -12.47
N ARG B 162 11.02 -25.71 -12.22
CA ARG B 162 10.35 -26.99 -12.35
CA ARG B 162 10.38 -27.02 -12.30
C ARG B 162 9.28 -27.18 -11.27
N SER B 163 9.57 -26.80 -10.02
CA SER B 163 8.61 -26.96 -8.94
CA SER B 163 8.61 -26.93 -8.93
C SER B 163 7.42 -26.01 -9.08
N THR B 164 7.66 -24.79 -9.54
CA THR B 164 6.56 -23.84 -9.69
C THR B 164 5.68 -24.09 -10.92
N CYS B 165 6.29 -24.53 -12.00
CA CYS B 165 5.58 -24.61 -13.28
C CYS B 165 5.10 -25.99 -13.69
N GLY B 166 5.77 -27.04 -13.24
CA GLY B 166 5.41 -28.40 -13.60
C GLY B 166 5.48 -28.69 -15.10
N GLU B 167 4.74 -29.71 -15.52
CA GLU B 167 4.74 -30.13 -16.92
C GLU B 167 3.67 -29.37 -17.69
N PRO B 168 3.95 -29.08 -18.97
CA PRO B 168 5.17 -29.46 -19.68
C PRO B 168 6.30 -28.48 -19.39
N PHE B 169 7.47 -28.99 -19.12
CA PHE B 169 8.56 -28.07 -18.83
CA PHE B 169 8.62 -28.16 -18.79
C PHE B 169 9.40 -27.81 -20.06
N GLU B 170 9.88 -26.59 -20.18
CA GLU B 170 10.74 -26.23 -21.31
C GLU B 170 11.67 -25.09 -20.93
N ALA B 171 12.69 -24.90 -21.74
CA ALA B 171 13.78 -23.96 -21.45
C ALA B 171 13.32 -22.52 -21.26
N SER B 172 12.26 -22.11 -21.96
CA SER B 172 11.79 -20.73 -21.87
C SER B 172 11.43 -20.36 -20.44
N LEU B 173 11.01 -21.36 -19.66
CA LEU B 173 10.66 -21.14 -18.26
C LEU B 173 11.88 -20.78 -17.43
N LEU B 174 13.01 -21.40 -17.73
CA LEU B 174 14.26 -21.04 -17.05
C LEU B 174 14.59 -19.58 -17.32
N ASP B 175 14.39 -19.13 -18.55
CA ASP B 175 14.76 -17.77 -18.91
C ASP B 175 13.93 -16.75 -18.15
N ILE B 176 12.65 -17.06 -17.95
CA ILE B 176 11.76 -16.18 -17.22
C ILE B 176 12.22 -16.04 -15.77
N VAL B 177 12.48 -17.17 -15.12
CA VAL B 177 12.92 -17.17 -13.74
C VAL B 177 14.28 -16.48 -13.59
N ALA B 178 15.20 -16.77 -14.49
CA ALA B 178 16.54 -16.18 -14.42
C ALA B 178 16.53 -14.66 -14.60
N ARG B 179 15.57 -14.14 -15.36
CA ARG B 179 15.51 -12.70 -15.60
C ARG B 179 15.14 -11.93 -14.34
N THR B 180 14.29 -12.52 -13.50
CA THR B 180 13.72 -11.81 -12.37
C THR B 180 14.76 -11.06 -11.54
N ASP B 181 14.47 -9.80 -11.24
CA ASP B 181 15.28 -9.02 -10.32
C ASP B 181 15.23 -9.69 -8.96
N GLY B 182 16.34 -10.30 -8.55
CA GLY B 182 16.34 -11.14 -7.35
C GLY B 182 16.06 -10.36 -6.07
N ARG B 183 16.33 -9.06 -6.10
CA ARG B 183 15.98 -8.21 -4.97
C ARG B 183 14.48 -8.32 -4.66
N ALA B 184 13.68 -8.58 -5.69
CA ALA B 184 12.23 -8.66 -5.49
C ALA B 184 11.83 -9.84 -4.62
N ARG B 185 12.55 -10.96 -4.74
CA ARG B 185 12.28 -12.12 -3.91
C ARG B 185 12.54 -11.82 -2.44
N ARG B 186 13.72 -11.27 -2.15
CA ARG B 186 14.11 -10.97 -0.79
C ARG B 186 13.22 -9.90 -0.16
N ILE B 187 12.98 -8.82 -0.89
CA ILE B 187 12.21 -7.72 -0.34
C ILE B 187 10.76 -8.11 -0.11
N MET B 188 10.15 -8.84 -1.04
CA MET B 188 8.78 -9.25 -0.86
C MET B 188 8.61 -10.10 0.40
N PHE B 189 9.52 -11.06 0.61
CA PHE B 189 9.48 -11.88 1.82
C PHE B 189 9.68 -11.05 3.08
N GLU B 190 10.65 -10.15 3.05
CA GLU B 190 10.91 -9.33 4.22
C GLU B 190 9.73 -8.44 4.58
N LYS B 191 9.13 -7.82 3.57
CA LYS B 191 8.03 -6.90 3.83
C LYS B 191 6.82 -7.65 4.36
N PHE B 192 6.61 -8.86 3.86
CA PHE B 192 5.54 -9.67 4.42
C PHE B 192 5.82 -10.00 5.89
N GLY B 193 7.06 -10.40 6.19
CA GLY B 193 7.42 -10.71 7.56
C GLY B 193 7.33 -9.50 8.48
N SER B 194 7.45 -8.31 7.91
CA SER B 194 7.39 -7.07 8.68
C SER B 194 5.97 -6.52 8.78
N GLY B 195 5.00 -7.24 8.23
CA GLY B 195 3.60 -6.82 8.31
C GLY B 195 3.30 -5.49 7.66
N THR B 196 3.87 -5.25 6.48
CA THR B 196 3.76 -3.92 5.89
C THR B 196 2.44 -3.67 5.17
N GLY B 197 1.77 -4.74 4.76
CA GLY B 197 0.47 -4.64 4.11
C GLY B 197 -0.68 -5.07 5.00
N GLY B 198 -1.84 -5.26 4.40
CA GLY B 198 -3.03 -5.67 5.14
C GLY B 198 -2.96 -7.11 5.61
N ASN B 199 -3.75 -7.44 6.61
CA ASN B 199 -3.80 -8.80 7.12
C ASN B 199 -4.68 -9.64 6.21
N GLN B 200 -4.08 -10.54 5.45
CA GLN B 200 -4.82 -11.26 4.41
C GLN B 200 -5.88 -12.22 4.95
N ARG B 201 -5.65 -12.74 6.15
CA ARG B 201 -6.67 -13.58 6.78
C ARG B 201 -7.93 -12.75 7.04
N ASP B 202 -7.75 -11.56 7.61
CA ASP B 202 -8.89 -10.68 7.87
C ASP B 202 -9.52 -10.18 6.56
N ILE B 203 -8.68 -9.82 5.58
CA ILE B 203 -9.21 -9.29 4.33
C ILE B 203 -10.14 -10.29 3.66
N VAL B 204 -9.71 -11.55 3.53
CA VAL B 204 -10.58 -12.51 2.85
C VAL B 204 -11.83 -12.84 3.66
N ALA B 205 -11.74 -12.80 4.99
CA ALA B 205 -12.91 -13.08 5.83
C ALA B 205 -13.96 -12.00 5.64
N GLU B 206 -13.50 -10.78 5.42
CA GLU B 206 -14.37 -9.62 5.40
C GLU B 206 -14.82 -9.24 3.99
N ALA B 207 -14.19 -9.82 2.98
CA ALA B 207 -14.50 -9.49 1.60
C ALA B 207 -15.82 -10.09 1.16
N GLN B 208 -16.66 -9.28 0.53
CA GLN B 208 -17.99 -9.70 0.12
C GLN B 208 -18.05 -10.26 -1.29
N LEU B 209 -17.07 -9.93 -2.13
CA LEU B 209 -17.05 -10.46 -3.49
C LEU B 209 -16.78 -11.96 -3.47
N PRO B 210 -17.21 -12.65 -4.53
CA PRO B 210 -16.90 -14.08 -4.61
C PRO B 210 -15.40 -14.32 -4.67
N ILE B 211 -14.90 -15.19 -3.80
CA ILE B 211 -13.51 -15.62 -3.87
C ILE B 211 -13.49 -17.12 -4.15
N ALA B 212 -12.83 -17.50 -5.24
CA ALA B 212 -12.69 -18.89 -5.64
C ALA B 212 -11.30 -19.37 -5.28
N VAL B 213 -11.21 -20.61 -4.81
CA VAL B 213 -9.94 -21.23 -4.45
C VAL B 213 -9.80 -22.52 -5.25
N VAL B 214 -8.77 -22.58 -6.09
CA VAL B 214 -8.57 -23.72 -6.97
C VAL B 214 -7.08 -24.11 -6.94
N ASN B 215 -6.78 -25.35 -6.59
CA ASN B 215 -5.40 -25.79 -6.45
C ASN B 215 -5.17 -27.16 -7.06
N GLY B 216 -3.94 -27.44 -7.46
CA GLY B 216 -3.57 -28.78 -7.83
C GLY B 216 -3.40 -29.67 -6.62
N ARG B 217 -3.84 -30.92 -6.74
CA ARG B 217 -3.77 -31.87 -5.64
C ARG B 217 -2.35 -32.07 -5.13
N ASP B 218 -1.39 -32.00 -6.05
CA ASP B 218 0.00 -32.27 -5.71
C ASP B 218 0.77 -31.00 -5.38
N GLU B 219 0.05 -29.95 -4.97
CA GLU B 219 0.66 -28.70 -4.55
C GLU B 219 1.91 -28.94 -3.69
N PRO B 220 3.08 -28.50 -4.16
CA PRO B 220 4.29 -28.66 -3.36
C PRO B 220 4.55 -27.49 -2.41
N PHE B 221 3.81 -26.40 -2.55
CA PHE B 221 4.03 -25.21 -1.72
C PHE B 221 2.92 -24.97 -0.70
N VAL B 222 1.68 -25.22 -1.12
CA VAL B 222 0.53 -24.87 -0.31
C VAL B 222 0.02 -26.04 0.50
N GLU B 223 -0.25 -25.80 1.77
CA GLU B 223 -0.91 -26.79 2.63
C GLU B 223 -2.40 -26.75 2.33
N LEU B 224 -2.86 -27.69 1.52
CA LEU B 224 -4.25 -27.70 1.10
C LEU B 224 -5.24 -27.85 2.25
N ASP B 225 -4.84 -28.56 3.30
CA ASP B 225 -5.72 -28.72 4.46
C ASP B 225 -5.89 -27.39 5.19
N PHE B 226 -4.82 -26.60 5.25
CA PHE B 226 -4.93 -25.28 5.85
C PHE B 226 -5.90 -24.39 5.06
N VAL B 227 -5.73 -24.37 3.73
CA VAL B 227 -6.57 -23.54 2.87
CA VAL B 227 -6.58 -23.50 2.93
C VAL B 227 -8.05 -23.89 3.02
N SER B 228 -8.34 -25.18 3.19
CA SER B 228 -9.73 -25.63 3.31
C SER B 228 -10.37 -25.20 4.64
N LYS B 229 -9.57 -24.66 5.55
CA LYS B 229 -10.08 -24.18 6.83
C LYS B 229 -10.21 -22.65 6.89
N VAL B 230 -9.67 -21.97 5.89
CA VAL B 230 -9.70 -20.50 5.88
C VAL B 230 -11.14 -19.98 5.72
N LYS B 231 -11.48 -18.97 6.51
CA LYS B 231 -12.79 -18.36 6.44
CA LYS B 231 -12.80 -18.35 6.43
C LYS B 231 -12.81 -17.25 5.38
N PHE B 232 -13.73 -17.38 4.41
CA PHE B 232 -13.93 -16.38 3.38
C PHE B 232 -15.31 -15.77 3.55
N GLY B 233 -15.45 -14.48 3.25
CA GLY B 233 -16.75 -13.84 3.32
C GLY B 233 -17.74 -14.48 2.36
N ASN B 234 -17.25 -14.93 1.22
CA ASN B 234 -18.11 -15.42 0.15
C ASN B 234 -17.30 -16.41 -0.70
N LEU B 235 -17.14 -17.63 -0.18
CA LEU B 235 -16.35 -18.65 -0.86
C LEU B 235 -17.16 -19.24 -2.00
N TRP B 236 -16.64 -19.10 -3.23
CA TRP B 236 -17.33 -19.55 -4.42
C TRP B 236 -17.61 -21.05 -4.37
N GLU B 237 -18.89 -21.41 -4.49
CA GLU B 237 -19.36 -22.79 -4.42
C GLU B 237 -19.16 -23.45 -3.06
N GLY B 238 -18.83 -22.64 -2.05
CA GLY B 238 -18.83 -23.10 -0.67
C GLY B 238 -17.72 -24.06 -0.29
N LYS B 239 -16.73 -24.21 -1.15
CA LYS B 239 -15.62 -25.11 -0.87
C LYS B 239 -14.39 -24.69 -1.64
N THR B 240 -13.23 -25.17 -1.21
CA THR B 240 -12.02 -25.03 -1.99
C THR B 240 -11.96 -26.21 -2.97
N HIS B 241 -11.37 -25.98 -4.14
CA HIS B 241 -11.40 -26.96 -5.21
C HIS B 241 -10.02 -27.51 -5.48
N VAL B 242 -9.96 -28.80 -5.82
CA VAL B 242 -8.71 -29.50 -6.04
C VAL B 242 -8.73 -30.24 -7.38
N ILE B 243 -7.68 -30.04 -8.18
CA ILE B 243 -7.56 -30.66 -9.49
C ILE B 243 -6.50 -31.76 -9.45
N ASP B 244 -6.90 -32.97 -9.84
CA ASP B 244 -6.00 -34.11 -9.83
C ASP B 244 -4.84 -33.93 -10.80
N ASN B 245 -3.70 -34.53 -10.48
CA ASN B 245 -2.58 -34.61 -11.41
C ASN B 245 -2.05 -33.24 -11.82
N ALA B 246 -2.05 -32.32 -10.86
CA ALA B 246 -1.50 -30.98 -11.07
C ALA B 246 -0.89 -30.54 -9.75
N GLY B 247 0.13 -29.70 -9.83
CA GLY B 247 0.78 -29.17 -8.65
C GLY B 247 0.48 -27.69 -8.47
N HIS B 248 1.54 -26.88 -8.53
CA HIS B 248 1.43 -25.46 -8.26
C HIS B 248 0.76 -24.68 -9.39
N ALA B 249 0.73 -25.23 -10.59
CA ALA B 249 0.30 -24.48 -11.78
C ALA B 249 -0.75 -25.19 -12.62
N PRO B 250 -1.93 -25.48 -12.02
CA PRO B 250 -2.93 -26.25 -12.76
C PRO B 250 -3.38 -25.59 -14.07
N PHE B 251 -3.29 -24.26 -14.16
CA PHE B 251 -3.67 -23.55 -15.37
C PHE B 251 -2.83 -23.95 -16.58
N ARG B 252 -1.63 -24.49 -16.33
CA ARG B 252 -0.81 -25.02 -17.43
C ARG B 252 -0.64 -26.55 -17.36
N GLU B 253 -0.72 -27.12 -16.16
CA GLU B 253 -0.52 -28.55 -15.96
C GLU B 253 -1.77 -29.36 -16.27
N ALA B 254 -2.94 -28.75 -16.13
CA ALA B 254 -4.22 -29.40 -16.40
C ALA B 254 -5.17 -28.34 -16.96
N PRO B 255 -4.83 -27.79 -18.13
CA PRO B 255 -5.51 -26.57 -18.58
C PRO B 255 -7.01 -26.75 -18.87
N ALA B 256 -7.42 -27.87 -19.46
CA ALA B 256 -8.84 -28.03 -19.75
C ALA B 256 -9.65 -28.03 -18.47
N GLU B 257 -9.18 -28.74 -17.45
CA GLU B 257 -9.90 -28.82 -16.19
C GLU B 257 -9.85 -27.49 -15.44
N PHE B 258 -8.68 -26.87 -15.39
CA PHE B 258 -8.59 -25.55 -14.77
C PHE B 258 -9.50 -24.56 -15.48
N ASP B 259 -9.49 -24.57 -16.81
CA ASP B 259 -10.27 -23.61 -17.58
C ASP B 259 -11.78 -23.78 -17.33
N ALA B 260 -12.21 -25.00 -17.06
CA ALA B 260 -13.61 -25.24 -16.74
C ALA B 260 -13.99 -24.51 -15.45
N TYR B 261 -13.11 -24.55 -14.45
CA TYR B 261 -13.36 -23.80 -13.22
C TYR B 261 -13.35 -22.30 -13.48
N LEU B 262 -12.33 -21.84 -14.21
CA LEU B 262 -12.20 -20.41 -14.47
C LEU B 262 -13.38 -19.86 -15.26
N ALA B 263 -13.79 -20.59 -16.31
CA ALA B 263 -14.92 -20.18 -17.12
C ALA B 263 -16.21 -20.10 -16.29
N ARG B 264 -16.42 -21.11 -15.45
CA ARG B 264 -17.63 -21.13 -14.64
C ARG B 264 -17.64 -19.97 -13.64
N PHE B 265 -16.48 -19.70 -13.06
CA PHE B 265 -16.33 -18.59 -12.12
C PHE B 265 -16.59 -17.25 -12.82
N ILE B 266 -15.99 -17.05 -13.99
CA ILE B 266 -16.20 -15.79 -14.70
C ILE B 266 -17.69 -15.62 -15.04
N ARG B 267 -18.30 -16.68 -15.57
CA ARG B 267 -19.73 -16.63 -15.89
C ARG B 267 -20.54 -16.26 -14.65
N ASP B 268 -20.26 -16.93 -13.53
CA ASP B 268 -20.97 -16.64 -12.30
C ASP B 268 -20.81 -15.19 -11.84
N CYS B 269 -19.61 -14.63 -12.03
CA CYS B 269 -19.31 -13.29 -11.54
C CYS B 269 -19.78 -12.18 -12.46
N THR B 270 -20.12 -12.52 -13.70
CA THR B 270 -20.41 -11.48 -14.68
C THR B 270 -21.75 -11.61 -15.39
N GLN B 271 -22.33 -12.80 -15.40
CA GLN B 271 -23.49 -13.05 -16.24
C GLN B 271 -24.58 -13.69 -15.45
N LEU B 272 -24.52 -13.75 -14.12
CA LEU B 272 -25.48 -14.43 -13.27
C LEU B 272 -26.24 -13.48 -12.35
N GLU B 273 -27.34 -13.97 -11.81
CA GLU B 273 -28.10 -13.27 -10.78
C GLU B 273 -28.93 -12.13 -11.35
#